data_7T24
#
_entry.id   7T24
#
_cell.length_a   66.560
_cell.length_b   96.550
_cell.length_c   137.580
_cell.angle_alpha   90.000
_cell.angle_beta   90.000
_cell.angle_gamma   90.000
#
_symmetry.space_group_name_H-M   'I 2 2 2'
#
loop_
_entity.id
_entity.type
_entity.pdbx_description
1 polymer 'Adenylosuccinate lyase'
2 non-polymer 'ISOPROPYL ALCOHOL'
3 non-polymer IMIDAZOLE
4 water water
#
_entity_poly.entity_id   1
_entity_poly.type   'polypeptide(L)'
_entity_poly.pdbx_seq_one_letter_code
;MAHHHHHHMQLSSLTAVSPVDGRYAGKTSSLRPIFSEYGLIRFRVMVEVRWLQRLAAHAGIPEVAPFSAEANALLDSLAS
DFQLEHAERIKEIERTTNHDVKAVEYLLKEQAAKLPELAAVSEFIHFACTSEDINNLSHALMLREGRDSVLLPLMRQIAE
AIRELAVKLADVPMLSRTHGQPASPTTLGKELANVVYRLERQIKQVAGIELLGKINGAVGNYNAHLSAYPEVDWEANARQ
FIEGDLGLTFNPYTTQIEPHDYIAELFDAIARFNTILIDFDRDVWGYISLGYFKQKTVAGEIGSSTMPHKVNPIDFENSE
GNLGIANALFQHLASKLPISRWQRDLTDSTVLRNLGVGIAHSIIAYEASLKGIGKLELNAQRIAEDLDACWEVLAEPVQT
VMRRYGVENPYEKLKELTRGKGISAEALQTFIEELAIPAEAKVELKKLTPAGYVGNAAAQAKRI
;
_entity_poly.pdbx_strand_id   A
#
loop_
_chem_comp.id
_chem_comp.type
_chem_comp.name
_chem_comp.formula
IMD non-polymer IMIDAZOLE 'C3 H5 N2 1'
IPA non-polymer 'ISOPROPYL ALCOHOL' 'C3 H8 O'
#
# COMPACT_ATOMS: atom_id res chain seq x y z
N HIS A 8 2.52 14.07 34.66
CA HIS A 8 2.70 14.17 33.21
C HIS A 8 4.01 13.52 32.78
N MET A 9 3.95 12.76 31.69
CA MET A 9 5.12 12.03 31.19
C MET A 9 5.52 12.60 29.83
N GLN A 10 6.81 12.82 29.66
CA GLN A 10 7.34 13.26 28.37
C GLN A 10 7.10 12.20 27.32
N LEU A 11 6.83 12.65 26.09
CA LEU A 11 6.56 11.75 24.99
C LEU A 11 7.86 11.14 24.48
N SER A 12 7.87 9.81 24.34
CA SER A 12 8.91 9.04 23.69
C SER A 12 8.24 7.78 23.16
N SER A 13 9.00 6.92 22.48
CA SER A 13 8.42 5.67 22.02
CA SER A 13 8.42 5.67 22.02
C SER A 13 7.98 4.80 23.19
N LEU A 14 8.63 4.95 24.34
CA LEU A 14 8.23 4.17 25.51
C LEU A 14 6.88 4.62 26.05
N THR A 15 6.58 5.92 25.97
CA THR A 15 5.35 6.47 26.55
C THR A 15 4.25 6.75 25.54
N ALA A 16 4.51 6.54 24.24
CA ALA A 16 3.51 6.81 23.22
C ALA A 16 2.28 5.92 23.42
N VAL A 17 1.09 6.51 23.27
CA VAL A 17 -0.13 5.76 23.46
C VAL A 17 -0.34 4.77 22.32
N SER A 18 -0.12 5.21 21.09
CA SER A 18 -0.31 4.31 19.96
C SER A 18 0.98 3.54 19.68
N PRO A 19 0.89 2.23 19.39
CA PRO A 19 2.11 1.46 19.10
C PRO A 19 2.73 1.82 17.75
N VAL A 20 2.01 2.58 16.91
CA VAL A 20 2.60 3.08 15.67
C VAL A 20 3.87 3.87 15.96
N ASP A 21 3.82 4.77 16.95
CA ASP A 21 4.96 5.55 17.37
C ASP A 21 5.55 5.06 18.66
N GLY A 22 5.12 3.89 19.10
CA GLY A 22 5.58 3.30 20.35
C GLY A 22 6.39 2.05 20.08
N ARG A 23 5.80 0.89 20.39
CA ARG A 23 6.50 -0.39 20.23
C ARG A 23 7.07 -0.56 18.83
N TYR A 24 6.34 -0.09 17.81
CA TYR A 24 6.76 -0.27 16.41
C TYR A 24 7.33 1.00 15.80
N ALA A 25 7.82 1.94 16.61
CA ALA A 25 8.37 3.18 16.08
C ALA A 25 9.45 2.93 15.04
N GLY A 26 10.32 1.94 15.28
CA GLY A 26 11.37 1.61 14.32
C GLY A 26 10.86 1.06 13.00
N LYS A 27 9.67 0.47 13.00
CA LYS A 27 9.08 -0.06 11.78
C LYS A 27 8.32 0.98 10.99
N THR A 28 7.94 2.11 11.60
CA THR A 28 7.12 3.13 10.96
C THR A 28 7.87 4.43 10.71
N SER A 29 9.17 4.49 11.06
CA SER A 29 9.90 5.74 10.98
C SER A 29 9.95 6.31 9.56
N SER A 30 9.88 5.46 8.53
CA SER A 30 9.90 5.95 7.16
C SER A 30 8.67 6.77 6.81
N LEU A 31 7.62 6.72 7.63
CA LEU A 31 6.43 7.53 7.40
C LEU A 31 6.48 8.89 8.10
N ARG A 32 7.46 9.12 8.98
CA ARG A 32 7.54 10.41 9.66
C ARG A 32 7.72 11.59 8.70
N PRO A 33 8.49 11.49 7.62
CA PRO A 33 8.58 12.64 6.70
C PRO A 33 7.33 12.87 5.88
N ILE A 34 6.32 12.00 5.99
CA ILE A 34 5.22 11.97 5.03
C ILE A 34 3.88 12.28 5.69
N PHE A 35 3.49 11.49 6.70
CA PHE A 35 2.12 11.50 7.20
C PHE A 35 1.93 12.17 8.55
N SER A 36 3.02 12.48 9.24
CA SER A 36 2.97 13.22 10.50
C SER A 36 2.55 14.65 10.24
N GLU A 37 2.40 15.43 11.32
CA GLU A 37 2.16 16.86 11.10
C GLU A 37 3.34 17.51 10.39
N TYR A 38 4.57 17.08 10.69
CA TYR A 38 5.72 17.54 9.93
C TYR A 38 5.53 17.31 8.45
N GLY A 39 5.09 16.11 8.08
CA GLY A 39 4.91 15.81 6.65
C GLY A 39 3.82 16.66 6.03
N LEU A 40 2.71 16.82 6.74
CA LEU A 40 1.64 17.69 6.26
C LEU A 40 2.17 19.10 6.03
N ILE A 41 2.91 19.64 7.00
CA ILE A 41 3.49 20.97 6.88
C ILE A 41 4.45 21.02 5.70
N ARG A 42 5.32 20.02 5.60
CA ARG A 42 6.27 19.94 4.48
CA ARG A 42 6.27 19.96 4.49
C ARG A 42 5.58 20.06 3.14
N PHE A 43 4.50 19.30 2.96
CA PHE A 43 3.83 19.33 1.66
C PHE A 43 3.00 20.60 1.47
N ARG A 44 2.44 21.17 2.54
CA ARG A 44 1.77 22.46 2.39
C ARG A 44 2.74 23.51 1.90
N VAL A 45 3.95 23.55 2.48
CA VAL A 45 4.98 24.48 2.03
C VAL A 45 5.30 24.24 0.57
N MET A 46 5.47 22.98 0.18
CA MET A 46 5.78 22.66 -1.21
C MET A 46 4.71 23.19 -2.14
N VAL A 47 3.44 22.95 -1.82
CA VAL A 47 2.35 23.40 -2.68
C VAL A 47 2.33 24.91 -2.80
N GLU A 48 2.45 25.61 -1.66
CA GLU A 48 2.45 27.07 -1.72
C GLU A 48 3.61 27.62 -2.55
N VAL A 49 4.81 27.04 -2.38
CA VAL A 49 5.95 27.49 -3.15
C VAL A 49 5.71 27.28 -4.65
N ARG A 50 5.24 26.09 -5.01
CA ARG A 50 5.00 25.80 -6.43
C ARG A 50 3.91 26.68 -7.00
N TRP A 51 2.89 27.02 -6.19
CA TRP A 51 1.83 27.91 -6.67
C TRP A 51 2.39 29.28 -7.00
N LEU A 52 3.22 29.82 -6.12
CA LEU A 52 3.84 31.11 -6.40
C LEU A 52 4.70 31.05 -7.65
N GLN A 53 5.45 29.96 -7.82
CA GLN A 53 6.24 29.79 -9.03
C GLN A 53 5.37 29.67 -10.28
N ARG A 54 4.19 29.06 -10.15
CA ARG A 54 3.27 28.98 -11.27
C ARG A 54 2.78 30.36 -11.69
N LEU A 55 2.42 31.20 -10.72
CA LEU A 55 2.01 32.56 -11.03
C LEU A 55 3.15 33.36 -11.66
N ALA A 56 4.38 33.12 -11.20
CA ALA A 56 5.52 33.83 -11.76
C ALA A 56 5.74 33.46 -13.23
N ALA A 57 5.48 32.21 -13.58
CA ALA A 57 5.62 31.75 -14.95
C ALA A 57 4.46 32.14 -15.84
N HIS A 58 3.33 32.56 -15.26
CA HIS A 58 2.12 32.82 -16.02
C HIS A 58 2.11 34.26 -16.52
N ALA A 59 2.16 34.42 -17.85
CA ALA A 59 2.21 35.75 -18.45
C ALA A 59 0.93 36.56 -18.21
N GLY A 60 -0.20 35.89 -17.95
CA GLY A 60 -1.43 36.56 -17.62
C GLY A 60 -1.50 37.10 -16.21
N ILE A 61 -0.49 36.79 -15.39
CA ILE A 61 -0.37 37.34 -14.04
C ILE A 61 0.89 38.20 -14.04
N PRO A 62 0.87 39.38 -14.65
CA PRO A 62 2.10 40.17 -14.74
C PRO A 62 2.58 40.67 -13.39
N GLU A 63 1.70 40.73 -12.40
CA GLU A 63 2.09 41.22 -11.09
C GLU A 63 3.12 40.33 -10.42
N VAL A 64 3.24 39.07 -10.85
CA VAL A 64 4.30 38.17 -10.39
C VAL A 64 5.20 37.89 -11.59
N ALA A 65 6.38 38.48 -11.59
CA ALA A 65 7.31 38.30 -12.69
C ALA A 65 8.13 37.04 -12.48
N PRO A 66 8.72 36.49 -13.54
CA PRO A 66 9.61 35.33 -13.39
C PRO A 66 10.71 35.60 -12.37
N PHE A 67 11.08 34.56 -11.63
CA PHE A 67 12.06 34.70 -10.57
C PHE A 67 13.48 34.49 -11.09
N SER A 68 14.42 35.22 -10.48
CA SER A 68 15.83 35.01 -10.74
C SER A 68 16.27 33.64 -10.21
N ALA A 69 17.47 33.21 -10.62
CA ALA A 69 18.03 31.99 -10.07
C ALA A 69 18.17 32.07 -8.56
N GLU A 70 18.54 33.25 -8.05
CA GLU A 70 18.70 33.44 -6.61
C GLU A 70 17.37 33.24 -5.88
N ALA A 71 16.30 33.86 -6.38
CA ALA A 71 14.99 33.71 -5.76
C ALA A 71 14.47 32.29 -5.88
N ASN A 72 14.65 31.65 -7.05
CA ASN A 72 14.23 30.27 -7.19
C ASN A 72 15.04 29.33 -6.30
N ALA A 73 16.32 29.65 -6.06
CA ALA A 73 17.12 28.81 -5.18
C ALA A 73 16.52 28.76 -3.79
N LEU A 74 16.13 29.92 -3.25
CA LEU A 74 15.51 29.95 -1.94
CA LEU A 74 15.50 29.96 -1.94
C LEU A 74 14.18 29.19 -1.95
N LEU A 75 13.33 29.47 -2.94
CA LEU A 75 12.04 28.79 -3.01
C LEU A 75 12.22 27.29 -3.17
N ASP A 76 13.12 26.87 -4.06
CA ASP A 76 13.34 25.45 -4.29
C ASP A 76 13.86 24.76 -3.04
N SER A 77 14.67 25.46 -2.24
CA SER A 77 15.17 24.85 -1.00
CA SER A 77 15.17 24.85 -1.00
C SER A 77 14.03 24.53 -0.05
N LEU A 78 13.02 25.42 0.03
CA LEU A 78 11.87 25.17 0.89
C LEU A 78 11.00 24.04 0.37
N ALA A 79 10.92 23.88 -0.95
CA ALA A 79 10.02 22.92 -1.56
C ALA A 79 10.66 21.55 -1.77
N SER A 80 11.99 21.46 -1.74
CA SER A 80 12.65 20.19 -2.01
C SER A 80 13.76 19.84 -1.03
N ASP A 81 14.07 20.73 -0.09
CA ASP A 81 15.06 20.45 0.96
C ASP A 81 14.55 21.00 2.28
N PHE A 82 13.29 20.67 2.59
CA PHE A 82 12.62 21.22 3.74
C PHE A 82 13.30 20.76 5.02
N GLN A 83 13.45 21.68 5.97
CA GLN A 83 14.16 21.40 7.21
C GLN A 83 13.19 21.37 8.39
N LEU A 84 13.54 20.56 9.39
CA LEU A 84 12.74 20.48 10.61
C LEU A 84 12.54 21.86 11.24
N GLU A 85 13.56 22.72 11.16
CA GLU A 85 13.45 24.04 11.77
C GLU A 85 12.31 24.86 11.15
N HIS A 86 12.05 24.66 9.85
CA HIS A 86 10.94 25.39 9.23
C HIS A 86 9.61 24.93 9.80
N ALA A 87 9.46 23.62 10.02
CA ALA A 87 8.22 23.10 10.59
C ALA A 87 8.06 23.56 12.04
N GLU A 88 9.16 23.57 12.80
CA GLU A 88 9.09 24.09 14.15
C GLU A 88 8.67 25.55 14.15
N ARG A 89 9.19 26.33 13.20
CA ARG A 89 8.80 27.73 13.14
C ARG A 89 7.33 27.89 12.79
N ILE A 90 6.83 27.04 11.89
CA ILE A 90 5.40 27.07 11.55
C ILE A 90 4.54 26.74 12.77
N LYS A 91 4.95 25.76 13.57
CA LYS A 91 4.21 25.49 14.81
C LYS A 91 4.22 26.69 15.75
N GLU A 92 5.34 27.41 15.82
CA GLU A 92 5.36 28.59 16.68
C GLU A 92 4.48 29.70 16.11
N ILE A 93 4.52 29.89 14.79
CA ILE A 93 3.67 30.89 14.15
C ILE A 93 2.20 30.56 14.37
N GLU A 94 1.85 29.26 14.35
CA GLU A 94 0.45 28.87 14.53
C GLU A 94 -0.08 29.28 15.90
N ARG A 95 0.80 29.47 16.90
CA ARG A 95 0.33 29.95 18.19
C ARG A 95 -0.32 31.32 18.07
N THR A 96 0.11 32.12 17.10
CA THR A 96 -0.42 33.46 16.87
C THR A 96 -1.55 33.46 15.85
N THR A 97 -1.44 32.64 14.79
CA THR A 97 -2.47 32.65 13.75
C THR A 97 -3.70 31.85 14.15
N ASN A 98 -3.53 30.86 15.03
CA ASN A 98 -4.60 29.92 15.38
C ASN A 98 -5.15 29.22 14.14
N HIS A 99 -4.29 29.05 13.14
CA HIS A 99 -4.74 28.48 11.87
C HIS A 99 -3.51 27.90 11.19
N ASP A 100 -3.57 26.60 10.86
CA ASP A 100 -2.35 25.91 10.44
C ASP A 100 -1.90 26.30 9.03
N VAL A 101 -2.83 26.44 8.09
CA VAL A 101 -2.41 26.84 6.74
C VAL A 101 -1.95 28.29 6.73
N LYS A 102 -2.61 29.14 7.53
CA LYS A 102 -2.16 30.53 7.61
C LYS A 102 -0.75 30.61 8.16
N ALA A 103 -0.38 29.70 9.06
CA ALA A 103 0.99 29.70 9.58
C ALA A 103 2.01 29.36 8.50
N VAL A 104 1.65 28.46 7.57
CA VAL A 104 2.50 28.18 6.43
C VAL A 104 2.68 29.42 5.57
N GLU A 105 1.58 30.14 5.32
CA GLU A 105 1.67 31.37 4.54
CA GLU A 105 1.67 31.37 4.54
C GLU A 105 2.63 32.36 5.20
N TYR A 106 2.53 32.52 6.52
CA TYR A 106 3.39 33.48 7.21
C TYR A 106 4.86 33.04 7.22
N LEU A 107 5.14 31.73 7.31
CA LEU A 107 6.52 31.28 7.19
C LEU A 107 7.09 31.66 5.83
N LEU A 108 6.32 31.43 4.77
CA LEU A 108 6.78 31.81 3.44
C LEU A 108 6.96 33.31 3.32
N LYS A 109 6.08 34.09 3.95
CA LYS A 109 6.26 35.53 3.93
C LYS A 109 7.53 35.95 4.68
N GLU A 110 7.84 35.27 5.78
CA GLU A 110 9.09 35.54 6.51
C GLU A 110 10.30 35.19 5.67
N GLN A 111 10.25 34.07 4.97
CA GLN A 111 11.36 33.69 4.08
C GLN A 111 11.46 34.65 2.91
N ALA A 112 10.33 35.04 2.34
CA ALA A 112 10.34 35.98 1.21
C ALA A 112 10.94 37.33 1.62
N ALA A 113 10.79 37.72 2.89
CA ALA A 113 11.35 38.98 3.35
C ALA A 113 12.88 39.00 3.26
N LYS A 114 13.52 37.84 3.10
CA LYS A 114 14.98 37.81 3.02
C LYS A 114 15.49 38.38 1.70
N LEU A 115 14.67 38.36 0.65
CA LEU A 115 15.07 38.83 -0.67
C LEU A 115 14.08 39.88 -1.16
N PRO A 116 14.51 41.11 -1.45
CA PRO A 116 13.57 42.12 -1.98
C PRO A 116 12.74 41.64 -3.17
N GLU A 117 13.32 40.80 -4.05
CA GLU A 117 12.57 40.27 -5.19
C GLU A 117 11.36 39.46 -4.73
N LEU A 118 11.52 38.66 -3.68
CA LEU A 118 10.40 37.87 -3.19
C LEU A 118 9.48 38.71 -2.31
N ALA A 119 10.06 39.60 -1.49
CA ALA A 119 9.23 40.47 -0.65
C ALA A 119 8.25 41.28 -1.48
N ALA A 120 8.67 41.67 -2.70
CA ALA A 120 7.81 42.49 -3.57
C ALA A 120 6.52 41.78 -3.97
N VAL A 121 6.50 40.45 -3.96
CA VAL A 121 5.31 39.69 -4.33
C VAL A 121 4.79 38.85 -3.18
N SER A 122 5.13 39.23 -1.94
CA SER A 122 4.73 38.42 -0.79
C SER A 122 3.21 38.32 -0.66
N GLU A 123 2.47 39.32 -1.14
CA GLU A 123 1.02 39.26 -1.08
C GLU A 123 0.41 38.28 -2.08
N PHE A 124 1.21 37.74 -3.01
CA PHE A 124 0.71 36.72 -3.93
C PHE A 124 0.94 35.29 -3.43
N ILE A 125 1.64 35.13 -2.30
CA ILE A 125 1.63 33.85 -1.63
C ILE A 125 0.18 33.52 -1.29
N HIS A 126 -0.26 32.31 -1.68
CA HIS A 126 -1.62 31.85 -1.40
C HIS A 126 -2.66 32.60 -2.22
N PHE A 127 -2.26 33.26 -3.32
CA PHE A 127 -3.18 34.13 -4.04
C PHE A 127 -4.43 33.38 -4.50
N ALA A 128 -5.59 33.90 -4.12
CA ALA A 128 -6.93 33.40 -4.46
C ALA A 128 -7.22 32.02 -3.91
N CYS A 129 -6.34 31.47 -3.09
CA CYS A 129 -6.49 30.11 -2.58
C CYS A 129 -7.39 30.07 -1.35
N THR A 130 -8.05 28.93 -1.19
CA THR A 130 -8.67 28.57 0.09
C THR A 130 -7.77 27.52 0.74
N SER A 131 -7.94 27.34 2.06
CA SER A 131 -7.08 26.40 2.77
C SER A 131 -7.12 25.00 2.15
N GLU A 132 -8.29 24.56 1.70
CA GLU A 132 -8.41 23.23 1.12
C GLU A 132 -7.73 23.09 -0.23
N ASP A 133 -7.48 24.20 -0.95
CA ASP A 133 -6.65 24.09 -2.15
C ASP A 133 -5.26 23.58 -1.79
N ILE A 134 -4.72 24.08 -0.68
CA ILE A 134 -3.40 23.63 -0.23
C ILE A 134 -3.50 22.24 0.38
N ASN A 135 -4.51 22.03 1.23
CA ASN A 135 -4.61 20.76 1.94
C ASN A 135 -4.80 19.58 0.99
N ASN A 136 -5.72 19.71 0.02
CA ASN A 136 -6.00 18.54 -0.82
C ASN A 136 -4.80 18.15 -1.65
N LEU A 137 -4.05 19.15 -2.15
CA LEU A 137 -2.87 18.81 -2.92
C LEU A 137 -1.80 18.18 -2.03
N SER A 138 -1.69 18.69 -0.79
CA SER A 138 -0.77 18.10 0.18
C SER A 138 -1.11 16.63 0.43
N HIS A 139 -2.39 16.33 0.65
CA HIS A 139 -2.81 14.95 0.92
C HIS A 139 -2.46 14.04 -0.25
N ALA A 140 -2.72 14.50 -1.48
CA ALA A 140 -2.40 13.68 -2.65
C ALA A 140 -0.90 13.44 -2.76
N LEU A 141 -0.09 14.47 -2.47
CA LEU A 141 1.36 14.31 -2.53
C LEU A 141 1.88 13.42 -1.41
N MET A 142 1.27 13.51 -0.22
CA MET A 142 1.62 12.60 0.87
C MET A 142 1.30 11.16 0.49
N LEU A 143 0.11 10.93 -0.04
CA LEU A 143 -0.26 9.58 -0.46
C LEU A 143 0.63 9.09 -1.58
N ARG A 144 1.01 9.98 -2.51
CA ARG A 144 1.90 9.54 -3.58
C ARG A 144 3.24 9.09 -3.03
N GLU A 145 3.86 9.88 -2.15
CA GLU A 145 5.15 9.48 -1.62
C GLU A 145 5.04 8.24 -0.76
N GLY A 146 4.03 8.18 0.10
CA GLY A 146 3.84 6.97 0.90
C GLY A 146 3.63 5.74 0.05
N ARG A 147 2.79 5.86 -0.99
CA ARG A 147 2.55 4.70 -1.85
C ARG A 147 3.81 4.31 -2.61
N ASP A 148 4.46 5.27 -3.25
CA ASP A 148 5.50 4.92 -4.22
C ASP A 148 6.82 4.60 -3.55
N SER A 149 7.16 5.26 -2.44
CA SER A 149 8.48 5.11 -1.84
CA SER A 149 8.47 5.12 -1.84
C SER A 149 8.50 4.17 -0.65
N VAL A 150 7.35 3.85 -0.05
CA VAL A 150 7.35 3.00 1.15
C VAL A 150 6.48 1.77 0.94
N LEU A 151 5.22 1.98 0.58
CA LEU A 151 4.25 0.88 0.55
C LEU A 151 4.53 -0.09 -0.58
N LEU A 152 4.54 0.41 -1.83
CA LEU A 152 4.75 -0.47 -2.97
C LEU A 152 6.07 -1.23 -2.92
N PRO A 153 7.20 -0.62 -2.56
CA PRO A 153 8.43 -1.42 -2.43
C PRO A 153 8.30 -2.59 -1.48
N LEU A 154 7.64 -2.41 -0.33
CA LEU A 154 7.44 -3.53 0.59
C LEU A 154 6.49 -4.57 0.02
N MET A 155 5.41 -4.14 -0.64
CA MET A 155 4.49 -5.08 -1.25
C MET A 155 5.21 -5.94 -2.27
N ARG A 156 6.06 -5.32 -3.11
CA ARG A 156 6.79 -6.08 -4.11
C ARG A 156 7.84 -6.98 -3.47
N GLN A 157 8.46 -6.55 -2.37
CA GLN A 157 9.37 -7.43 -1.65
C GLN A 157 8.68 -8.70 -1.19
N ILE A 158 7.45 -8.57 -0.70
CA ILE A 158 6.70 -9.76 -0.27
C ILE A 158 6.44 -10.67 -1.45
N ALA A 159 5.94 -10.10 -2.55
CA ALA A 159 5.66 -10.91 -3.74
C ALA A 159 6.91 -11.63 -4.21
N GLU A 160 8.04 -10.95 -4.23
CA GLU A 160 9.26 -11.58 -4.74
C GLU A 160 9.80 -12.61 -3.75
N ALA A 161 9.67 -12.36 -2.45
CA ALA A 161 10.12 -13.35 -1.47
C ALA A 161 9.29 -14.63 -1.56
N ILE A 162 7.98 -14.50 -1.74
CA ILE A 162 7.15 -15.68 -1.90
C ILE A 162 7.42 -16.36 -3.23
N ARG A 163 7.65 -15.57 -4.29
CA ARG A 163 8.00 -16.16 -5.59
C ARG A 163 9.27 -17.01 -5.49
N GLU A 164 10.30 -16.49 -4.82
CA GLU A 164 11.54 -17.25 -4.70
C GLU A 164 11.30 -18.60 -4.01
N LEU A 165 10.50 -18.59 -2.94
CA LEU A 165 10.18 -19.84 -2.25
CA LEU A 165 10.18 -19.84 -2.26
C LEU A 165 9.31 -20.75 -3.11
N ALA A 166 8.36 -20.17 -3.86
CA ALA A 166 7.50 -20.97 -4.73
C ALA A 166 8.32 -21.72 -5.77
N VAL A 167 9.28 -21.04 -6.40
CA VAL A 167 10.11 -21.70 -7.40
C VAL A 167 11.00 -22.75 -6.75
N LYS A 168 11.60 -22.42 -5.61
CA LYS A 168 12.44 -23.37 -4.88
C LYS A 168 11.70 -24.65 -4.54
N LEU A 169 10.43 -24.53 -4.16
CA LEU A 169 9.64 -25.65 -3.67
C LEU A 169 8.65 -26.17 -4.72
N ALA A 170 8.86 -25.81 -5.98
CA ALA A 170 7.89 -26.10 -7.04
C ALA A 170 7.65 -27.59 -7.20
N ASP A 171 8.68 -28.41 -6.96
CA ASP A 171 8.60 -29.85 -7.21
C ASP A 171 8.25 -30.67 -5.98
N VAL A 172 8.03 -30.03 -4.83
CA VAL A 172 7.79 -30.73 -3.56
C VAL A 172 6.34 -31.14 -3.47
N PRO A 173 5.99 -32.42 -3.62
CA PRO A 173 4.58 -32.81 -3.57
C PRO A 173 4.05 -32.66 -2.15
N MET A 174 2.77 -32.30 -2.05
CA MET A 174 2.16 -32.05 -0.76
C MET A 174 0.69 -32.44 -0.82
N LEU A 175 0.21 -33.08 0.24
CA LEU A 175 -1.22 -33.37 0.34
C LEU A 175 -1.99 -32.06 0.44
N SER A 176 -3.06 -31.94 -0.34
CA SER A 176 -3.94 -30.79 -0.16
C SER A 176 -4.93 -31.08 0.97
N ARG A 177 -5.47 -30.00 1.53
CA ARG A 177 -6.53 -30.10 2.51
C ARG A 177 -7.66 -29.17 2.11
N THR A 178 -8.83 -29.75 1.86
CA THR A 178 -10.06 -29.00 1.64
C THR A 178 -11.02 -29.36 2.76
N HIS A 179 -11.70 -28.34 3.29
CA HIS A 179 -12.40 -28.48 4.56
C HIS A 179 -11.56 -29.23 5.60
N GLY A 180 -10.25 -28.95 5.60
CA GLY A 180 -9.33 -29.46 6.59
C GLY A 180 -8.91 -30.89 6.40
N GLN A 181 -9.32 -31.55 5.33
CA GLN A 181 -9.20 -32.99 5.20
C GLN A 181 -8.53 -33.34 3.87
N PRO A 182 -7.96 -34.54 3.77
CA PRO A 182 -7.12 -34.86 2.60
C PRO A 182 -7.82 -34.67 1.27
N ALA A 183 -7.08 -34.13 0.30
CA ALA A 183 -7.57 -33.86 -1.03
C ALA A 183 -6.44 -34.07 -2.03
N SER A 184 -6.78 -34.02 -3.31
CA SER A 184 -5.85 -34.33 -4.38
C SER A 184 -4.55 -33.54 -4.21
N PRO A 185 -3.39 -34.17 -4.40
CA PRO A 185 -2.13 -33.49 -4.08
C PRO A 185 -1.79 -32.31 -4.98
N THR A 186 -0.92 -31.47 -4.44
CA THR A 186 -0.42 -30.28 -5.12
C THR A 186 1.08 -30.26 -4.87
N THR A 187 1.76 -29.14 -5.12
CA THR A 187 3.10 -28.96 -4.60
C THR A 187 3.11 -27.75 -3.68
N LEU A 188 4.03 -27.77 -2.73
CA LEU A 188 4.13 -26.64 -1.81
C LEU A 188 4.44 -25.36 -2.57
N GLY A 189 5.30 -25.45 -3.58
CA GLY A 189 5.59 -24.28 -4.39
C GLY A 189 4.37 -23.74 -5.13
N LYS A 190 3.51 -24.64 -5.61
CA LYS A 190 2.29 -24.18 -6.28
C LYS A 190 1.39 -23.42 -5.31
N GLU A 191 1.27 -23.89 -4.07
CA GLU A 191 0.41 -23.20 -3.12
C GLU A 191 0.94 -21.81 -2.79
N LEU A 192 2.27 -21.64 -2.82
CA LEU A 192 2.86 -20.32 -2.63
C LEU A 192 2.70 -19.46 -3.88
N ALA A 193 2.85 -20.06 -5.07
CA ALA A 193 2.69 -19.30 -6.31
C ALA A 193 1.28 -18.70 -6.41
N ASN A 194 0.26 -19.44 -5.95
CA ASN A 194 -1.09 -18.89 -5.99
C ASN A 194 -1.16 -17.55 -5.28
N VAL A 195 -0.44 -17.41 -4.18
CA VAL A 195 -0.44 -16.18 -3.40
C VAL A 195 0.23 -15.06 -4.17
N VAL A 196 1.38 -15.34 -4.79
CA VAL A 196 2.08 -14.33 -5.59
C VAL A 196 1.15 -13.73 -6.62
N TYR A 197 0.42 -14.60 -7.33
CA TYR A 197 -0.44 -14.12 -8.41
C TYR A 197 -1.51 -13.18 -7.87
N ARG A 198 -2.13 -13.53 -6.75
CA ARG A 198 -3.14 -12.66 -6.15
C ARG A 198 -2.54 -11.35 -5.68
N LEU A 199 -1.40 -11.41 -4.98
CA LEU A 199 -0.78 -10.18 -4.50
C LEU A 199 -0.41 -9.25 -5.65
N GLU A 200 0.14 -9.79 -6.73
CA GLU A 200 0.56 -8.93 -7.83
C GLU A 200 -0.62 -8.28 -8.56
N ARG A 201 -1.79 -8.94 -8.60
CA ARG A 201 -2.96 -8.26 -9.13
C ARG A 201 -3.26 -7.00 -8.33
N GLN A 202 -3.21 -7.11 -7.00
CA GLN A 202 -3.53 -5.95 -6.17
C GLN A 202 -2.44 -4.89 -6.23
N ILE A 203 -1.17 -5.31 -6.31
CA ILE A 203 -0.09 -4.32 -6.49
C ILE A 203 -0.35 -3.46 -7.71
N LYS A 204 -0.75 -4.09 -8.82
CA LYS A 204 -1.05 -3.33 -10.04
C LYS A 204 -2.19 -2.36 -9.79
N GLN A 205 -3.21 -2.79 -9.05
CA GLN A 205 -4.33 -1.90 -8.78
C GLN A 205 -3.92 -0.74 -7.87
N VAL A 206 -3.14 -1.03 -6.83
CA VAL A 206 -2.64 0.03 -5.94
C VAL A 206 -1.85 1.06 -6.72
N ALA A 207 -0.94 0.60 -7.58
CA ALA A 207 -0.09 1.50 -8.35
C ALA A 207 -0.89 2.31 -9.35
N GLY A 208 -2.03 1.78 -9.82
CA GLY A 208 -2.80 2.45 -10.84
C GLY A 208 -3.83 3.46 -10.36
N ILE A 209 -4.09 3.55 -9.06
CA ILE A 209 -5.06 4.52 -8.57
C ILE A 209 -4.61 5.93 -8.96
N GLU A 210 -5.54 6.70 -9.52
CA GLU A 210 -5.29 8.12 -9.78
C GLU A 210 -5.34 8.87 -8.46
N LEU A 211 -4.36 9.74 -8.24
CA LEU A 211 -4.28 10.57 -7.05
C LEU A 211 -4.76 11.96 -7.45
N LEU A 212 -5.96 12.34 -7.01
CA LEU A 212 -6.66 13.48 -7.57
C LEU A 212 -6.40 14.75 -6.78
N GLY A 213 -6.33 15.87 -7.49
CA GLY A 213 -6.15 17.15 -6.86
C GLY A 213 -6.98 18.23 -7.55
N LYS A 214 -7.21 19.32 -6.82
CA LYS A 214 -7.92 20.47 -7.35
C LYS A 214 -7.26 21.74 -6.81
N ILE A 215 -7.49 22.84 -7.51
CA ILE A 215 -7.13 24.16 -6.99
C ILE A 215 -8.07 25.18 -7.60
N ASN A 216 -9.12 25.55 -6.86
CA ASN A 216 -10.22 26.28 -7.47
C ASN A 216 -10.93 27.21 -6.49
N GLY A 217 -10.31 27.55 -5.37
CA GLY A 217 -10.90 28.51 -4.46
C GLY A 217 -11.92 27.93 -3.51
N ALA A 218 -12.71 28.84 -2.93
CA ALA A 218 -13.48 28.56 -1.73
C ALA A 218 -14.50 27.45 -1.93
N VAL A 219 -15.13 27.37 -3.10
CA VAL A 219 -16.26 26.44 -3.26
C VAL A 219 -16.21 25.67 -4.57
N GLY A 220 -15.12 25.79 -5.33
CA GLY A 220 -14.96 25.02 -6.55
C GLY A 220 -15.14 25.79 -7.84
N ASN A 221 -15.42 27.09 -7.78
CA ASN A 221 -15.87 27.85 -8.94
C ASN A 221 -14.95 29.00 -9.31
N TYR A 222 -13.74 29.07 -8.73
CA TYR A 222 -12.76 30.08 -9.09
C TYR A 222 -13.29 31.50 -8.90
N ASN A 223 -14.20 31.70 -7.92
CA ASN A 223 -14.86 32.99 -7.77
C ASN A 223 -13.85 34.11 -7.60
N ALA A 224 -12.95 33.95 -6.63
CA ALA A 224 -12.01 35.02 -6.32
C ALA A 224 -11.04 35.26 -7.48
N HIS A 225 -10.54 34.18 -8.07
CA HIS A 225 -9.62 34.28 -9.21
C HIS A 225 -10.22 35.13 -10.31
N LEU A 226 -11.49 34.88 -10.65
CA LEU A 226 -12.14 35.55 -11.76
C LEU A 226 -12.50 36.99 -11.44
N SER A 227 -12.70 37.33 -10.17
CA SER A 227 -12.96 38.73 -9.82
CA SER A 227 -12.96 38.72 -9.84
C SER A 227 -11.72 39.58 -10.04
N ALA A 228 -10.55 39.04 -9.72
CA ALA A 228 -9.29 39.77 -9.87
C ALA A 228 -8.72 39.68 -11.27
N TYR A 229 -8.84 38.52 -11.92
CA TYR A 229 -8.27 38.26 -13.23
C TYR A 229 -9.33 37.60 -14.10
N PRO A 230 -10.31 38.38 -14.58
CA PRO A 230 -11.39 37.78 -15.37
C PRO A 230 -10.94 37.20 -16.71
N GLU A 231 -9.77 37.60 -17.21
CA GLU A 231 -9.32 37.17 -18.53
C GLU A 231 -8.42 35.95 -18.51
N VAL A 232 -8.07 35.45 -17.33
CA VAL A 232 -7.18 34.31 -17.21
C VAL A 232 -8.00 33.02 -17.24
N ASP A 233 -7.52 32.03 -17.99
CA ASP A 233 -8.17 30.72 -18.00
C ASP A 233 -7.66 29.96 -16.78
N TRP A 234 -8.40 30.09 -15.67
CA TRP A 234 -7.96 29.50 -14.42
C TRP A 234 -8.10 27.99 -14.41
N GLU A 235 -9.04 27.43 -15.16
CA GLU A 235 -9.15 25.98 -15.23
C GLU A 235 -7.96 25.37 -15.95
N ALA A 236 -7.52 25.98 -17.06
CA ALA A 236 -6.32 25.50 -17.71
C ALA A 236 -5.11 25.65 -16.81
N ASN A 237 -5.02 26.76 -16.07
CA ASN A 237 -3.91 26.94 -15.15
C ASN A 237 -3.92 25.87 -14.07
N ALA A 238 -5.10 25.51 -13.56
CA ALA A 238 -5.20 24.52 -12.50
C ALA A 238 -4.75 23.15 -13.00
N ARG A 239 -5.17 22.77 -14.21
CA ARG A 239 -4.76 21.49 -14.75
C ARG A 239 -3.25 21.45 -15.01
N GLN A 240 -2.68 22.55 -15.54
CA GLN A 240 -1.24 22.62 -15.72
C GLN A 240 -0.50 22.51 -14.40
N PHE A 241 -0.97 23.21 -13.37
CA PHE A 241 -0.32 23.13 -12.07
C PHE A 241 -0.37 21.70 -11.53
N ILE A 242 -1.54 21.07 -11.59
CA ILE A 242 -1.74 19.81 -10.91
C ILE A 242 -1.12 18.65 -11.70
N GLU A 243 -1.37 18.61 -13.01
CA GLU A 243 -0.84 17.52 -13.81
C GLU A 243 0.60 17.80 -14.24
N GLY A 244 0.90 19.01 -14.68
CA GLY A 244 2.22 19.33 -15.18
C GLY A 244 3.24 19.61 -14.09
N ASP A 245 2.92 20.55 -13.20
CA ASP A 245 3.92 20.94 -12.21
C ASP A 245 4.02 19.91 -11.08
N LEU A 246 2.90 19.36 -10.63
CA LEU A 246 2.91 18.47 -9.48
C LEU A 246 2.87 16.99 -9.82
N GLY A 247 2.48 16.63 -11.05
CA GLY A 247 2.45 15.24 -11.44
C GLY A 247 1.31 14.43 -10.87
N LEU A 248 0.19 15.09 -10.56
CA LEU A 248 -1.01 14.43 -10.04
C LEU A 248 -2.07 14.36 -11.16
N THR A 249 -3.26 13.89 -10.81
CA THR A 249 -4.38 13.82 -11.75
C THR A 249 -5.41 14.89 -11.39
N PHE A 250 -5.90 15.61 -12.39
CA PHE A 250 -6.80 16.73 -12.18
C PHE A 250 -8.22 16.24 -11.91
N ASN A 251 -8.85 16.83 -10.88
CA ASN A 251 -10.27 16.63 -10.60
C ASN A 251 -11.03 17.90 -10.96
N PRO A 252 -11.76 17.93 -12.08
CA PRO A 252 -12.37 19.19 -12.54
C PRO A 252 -13.61 19.64 -11.78
N TYR A 253 -14.27 18.76 -11.02
CA TYR A 253 -15.52 19.11 -10.33
C TYR A 253 -15.35 18.86 -8.85
N THR A 254 -15.29 19.93 -8.05
CA THR A 254 -15.25 19.78 -6.61
C THR A 254 -16.06 20.88 -5.94
N THR A 255 -16.27 20.70 -4.64
CA THR A 255 -16.78 21.76 -3.77
C THR A 255 -15.58 22.46 -3.13
N GLN A 256 -15.70 22.91 -1.88
CA GLN A 256 -14.53 23.43 -1.18
C GLN A 256 -13.45 22.37 -1.05
N ILE A 257 -13.85 21.09 -0.83
CA ILE A 257 -12.90 19.99 -0.68
C ILE A 257 -12.78 19.20 -1.97
N GLU A 258 -11.64 18.56 -2.14
CA GLU A 258 -11.58 17.42 -3.06
C GLU A 258 -12.38 16.28 -2.41
N PRO A 259 -13.27 15.60 -3.14
CA PRO A 259 -14.29 14.77 -2.47
C PRO A 259 -13.79 13.48 -1.82
N HIS A 260 -12.55 13.05 -2.08
CA HIS A 260 -11.88 11.94 -1.39
C HIS A 260 -12.27 10.57 -1.92
N ASP A 261 -12.98 10.49 -3.06
CA ASP A 261 -13.28 9.17 -3.59
C ASP A 261 -12.01 8.40 -3.91
N TYR A 262 -10.97 9.07 -4.42
CA TYR A 262 -9.78 8.34 -4.80
C TYR A 262 -9.08 7.77 -3.58
N ILE A 263 -9.25 8.39 -2.41
CA ILE A 263 -8.67 7.83 -1.21
C ILE A 263 -9.37 6.52 -0.86
N ALA A 264 -10.69 6.49 -1.00
CA ALA A 264 -11.40 5.22 -0.86
C ALA A 264 -10.90 4.19 -1.85
N GLU A 265 -10.66 4.59 -3.12
CA GLU A 265 -10.17 3.65 -4.10
C GLU A 265 -8.82 3.07 -3.68
N LEU A 266 -7.91 3.95 -3.24
CA LEU A 266 -6.58 3.49 -2.85
C LEU A 266 -6.64 2.60 -1.61
N PHE A 267 -7.40 3.01 -0.60
CA PHE A 267 -7.48 2.23 0.62
C PHE A 267 -8.19 0.90 0.39
N ASP A 268 -9.18 0.86 -0.50
CA ASP A 268 -9.82 -0.41 -0.82
C ASP A 268 -8.81 -1.36 -1.47
N ALA A 269 -7.94 -0.84 -2.35
CA ALA A 269 -6.95 -1.70 -3.00
C ALA A 269 -5.91 -2.20 -2.01
N ILE A 270 -5.39 -1.34 -1.12
CA ILE A 270 -4.45 -1.80 -0.11
C ILE A 270 -5.11 -2.85 0.76
N ALA A 271 -6.38 -2.61 1.14
CA ALA A 271 -7.06 -3.58 1.99
C ALA A 271 -7.19 -4.93 1.32
N ARG A 272 -7.40 -4.96 0.00
CA ARG A 272 -7.48 -6.25 -0.71
C ARG A 272 -6.14 -6.97 -0.68
N PHE A 273 -5.04 -6.25 -0.89
CA PHE A 273 -3.72 -6.85 -0.73
C PHE A 273 -3.58 -7.43 0.67
N ASN A 274 -3.99 -6.66 1.68
CA ASN A 274 -3.85 -7.07 3.07
C ASN A 274 -4.68 -8.32 3.37
N THR A 275 -5.87 -8.44 2.76
CA THR A 275 -6.69 -9.62 2.97
C THR A 275 -5.99 -10.87 2.45
N ILE A 276 -5.35 -10.77 1.27
CA ILE A 276 -4.59 -11.89 0.74
C ILE A 276 -3.46 -12.24 1.69
N LEU A 277 -2.82 -11.23 2.28
CA LEU A 277 -1.71 -11.50 3.18
C LEU A 277 -2.18 -12.11 4.49
N ILE A 278 -3.38 -11.74 4.96
CA ILE A 278 -3.95 -12.42 6.13
C ILE A 278 -4.14 -13.90 5.83
N ASP A 279 -4.73 -14.18 4.68
CA ASP A 279 -4.94 -15.55 4.23
C ASP A 279 -3.62 -16.32 4.20
N PHE A 280 -2.57 -15.69 3.70
CA PHE A 280 -1.24 -16.30 3.66
C PHE A 280 -0.69 -16.51 5.07
N ASP A 281 -0.75 -15.47 5.91
CA ASP A 281 -0.27 -15.60 7.28
C ASP A 281 -0.96 -16.77 7.99
N ARG A 282 -2.26 -16.94 7.79
CA ARG A 282 -2.99 -18.01 8.47
C ARG A 282 -2.65 -19.37 7.87
N ASP A 283 -2.53 -19.46 6.54
CA ASP A 283 -2.16 -20.72 5.93
C ASP A 283 -0.76 -21.15 6.37
N VAL A 284 0.19 -20.21 6.43
CA VAL A 284 1.54 -20.56 6.87
C VAL A 284 1.56 -20.98 8.33
N TRP A 285 0.80 -20.27 9.18
CA TRP A 285 0.61 -20.71 10.56
C TRP A 285 0.15 -22.16 10.59
N GLY A 286 -0.78 -22.52 9.70
CA GLY A 286 -1.25 -23.89 9.61
C GLY A 286 -0.18 -24.88 9.13
N TYR A 287 0.58 -24.51 8.10
CA TYR A 287 1.66 -25.39 7.65
C TYR A 287 2.72 -25.58 8.75
N ILE A 288 2.99 -24.54 9.53
CA ILE A 288 3.88 -24.68 10.67
C ILE A 288 3.29 -25.63 11.71
N SER A 289 1.99 -25.48 12.00
CA SER A 289 1.36 -26.36 12.96
CA SER A 289 1.35 -26.37 12.96
C SER A 289 1.43 -27.82 12.52
N LEU A 290 1.39 -28.07 11.20
CA LEU A 290 1.55 -29.42 10.66
C LEU A 290 2.99 -29.88 10.65
N GLY A 291 3.94 -29.00 10.94
CA GLY A 291 5.35 -29.37 10.88
C GLY A 291 5.93 -29.40 9.49
N TYR A 292 5.27 -28.75 8.52
CA TYR A 292 5.76 -28.74 7.15
C TYR A 292 6.93 -27.79 6.96
N PHE A 293 7.05 -26.78 7.82
CA PHE A 293 8.21 -25.92 7.88
C PHE A 293 8.87 -26.07 9.23
N LYS A 294 10.19 -25.90 9.25
CA LYS A 294 10.99 -25.93 10.46
C LYS A 294 11.95 -24.73 10.44
N GLN A 295 12.70 -24.59 11.53
CA GLN A 295 13.63 -23.48 11.67
C GLN A 295 14.89 -23.74 10.85
N LYS A 296 15.43 -22.68 10.25
CA LYS A 296 16.63 -22.80 9.43
C LYS A 296 17.85 -23.13 10.28
N THR A 297 18.97 -23.40 9.58
CA THR A 297 20.27 -23.66 10.21
C THR A 297 20.23 -24.76 11.27
N PRO A 308 13.77 -31.96 14.57
CA PRO A 308 13.78 -30.65 13.92
C PRO A 308 13.41 -29.53 14.89
N HIS A 309 14.11 -28.41 14.79
CA HIS A 309 13.77 -27.24 15.60
C HIS A 309 12.53 -26.57 15.03
N LYS A 310 11.50 -26.44 15.86
CA LYS A 310 10.27 -25.80 15.43
C LYS A 310 10.52 -24.33 15.11
N VAL A 311 9.80 -23.81 14.14
CA VAL A 311 9.79 -22.38 13.87
C VAL A 311 8.59 -21.77 14.58
N ASN A 312 8.85 -20.74 15.37
CA ASN A 312 7.77 -20.03 16.06
C ASN A 312 7.09 -19.08 15.07
N PRO A 313 5.76 -19.16 14.92
CA PRO A 313 5.07 -18.38 13.87
C PRO A 313 4.74 -16.95 14.27
N ILE A 314 5.40 -16.42 15.31
CA ILE A 314 5.06 -15.10 15.85
C ILE A 314 5.05 -14.02 14.78
N ASP A 315 5.96 -14.07 13.81
CA ASP A 315 6.01 -13.00 12.81
C ASP A 315 4.75 -13.00 11.95
N PHE A 316 4.25 -14.20 11.60
CA PHE A 316 3.01 -14.30 10.85
C PHE A 316 1.82 -13.84 11.69
N GLU A 317 1.85 -14.11 12.99
CA GLU A 317 0.76 -13.70 13.87
C GLU A 317 0.78 -12.18 14.09
N ASN A 318 1.97 -11.59 14.29
CA ASN A 318 2.04 -10.15 14.41
CA ASN A 318 2.08 -10.14 14.40
C ASN A 318 1.56 -9.48 13.13
N SER A 319 1.96 -10.03 11.98
CA SER A 319 1.48 -9.49 10.71
C SER A 319 -0.04 -9.57 10.64
N GLU A 320 -0.60 -10.75 10.91
CA GLU A 320 -2.04 -10.94 10.83
C GLU A 320 -2.80 -9.95 11.72
N GLY A 321 -2.33 -9.76 12.95
CA GLY A 321 -3.00 -8.81 13.83
C GLY A 321 -2.97 -7.39 13.31
N ASN A 322 -1.81 -6.94 12.82
CA ASN A 322 -1.70 -5.58 12.30
C ASN A 322 -2.48 -5.37 11.00
N LEU A 323 -2.58 -6.40 10.14
CA LEU A 323 -3.36 -6.27 8.92
C LEU A 323 -4.84 -6.05 9.22
N GLY A 324 -5.35 -6.71 10.27
CA GLY A 324 -6.74 -6.52 10.63
C GLY A 324 -7.01 -5.10 11.09
N ILE A 325 -6.09 -4.52 11.87
CA ILE A 325 -6.26 -3.14 12.30
C ILE A 325 -6.18 -2.20 11.11
N ALA A 326 -5.17 -2.42 10.25
CA ALA A 326 -5.03 -1.58 9.06
C ALA A 326 -6.33 -1.58 8.26
N ASN A 327 -6.90 -2.77 8.03
CA ASN A 327 -8.09 -2.84 7.21
C ASN A 327 -9.29 -2.19 7.89
N ALA A 328 -9.38 -2.25 9.21
CA ALA A 328 -10.50 -1.59 9.87
C ALA A 328 -10.40 -0.08 9.68
N LEU A 329 -9.19 0.47 9.76
CA LEU A 329 -9.03 1.90 9.54
C LEU A 329 -9.26 2.27 8.08
N PHE A 330 -8.71 1.47 7.16
CA PHE A 330 -8.95 1.71 5.73
C PHE A 330 -10.44 1.69 5.42
N GLN A 331 -11.19 0.72 5.96
CA GLN A 331 -12.62 0.65 5.69
C GLN A 331 -13.33 1.88 6.23
N HIS A 332 -12.96 2.33 7.43
CA HIS A 332 -13.65 3.49 7.99
C HIS A 332 -13.36 4.74 7.17
N LEU A 333 -12.09 4.97 6.83
CA LEU A 333 -11.78 6.18 6.07
C LEU A 333 -12.41 6.13 4.68
N ALA A 334 -12.41 4.97 4.03
CA ALA A 334 -13.04 4.87 2.72
C ALA A 334 -14.55 5.15 2.79
N SER A 335 -15.20 4.69 3.86
CA SER A 335 -16.64 4.84 4.00
CA SER A 335 -16.65 4.85 3.98
C SER A 335 -17.06 6.24 4.43
N LYS A 336 -16.23 6.92 5.23
CA LYS A 336 -16.63 8.17 5.85
C LYS A 336 -16.12 9.39 5.11
N LEU A 337 -14.89 9.35 4.62
CA LEU A 337 -14.32 10.56 4.01
C LEU A 337 -15.15 11.12 2.86
N PRO A 338 -15.72 10.34 1.95
CA PRO A 338 -16.43 10.94 0.81
C PRO A 338 -17.82 11.46 1.11
N ILE A 339 -18.25 11.49 2.37
CA ILE A 339 -19.51 12.10 2.76
C ILE A 339 -19.17 13.39 3.49
N SER A 340 -19.65 14.51 2.97
CA SER A 340 -19.34 15.82 3.56
C SER A 340 -20.53 16.73 3.32
N ARG A 341 -21.03 17.35 4.38
CA ARG A 341 -22.31 18.07 4.31
C ARG A 341 -22.22 19.30 3.41
N TRP A 342 -23.11 19.36 2.41
CA TRP A 342 -23.23 20.49 1.48
C TRP A 342 -21.88 20.76 0.84
N GLN A 343 -21.38 21.99 0.87
CA GLN A 343 -20.13 22.32 0.17
C GLN A 343 -18.89 21.98 1.00
N ARG A 344 -19.10 21.45 2.21
CA ARG A 344 -18.23 20.60 3.02
C ARG A 344 -18.48 20.84 4.50
N ASP A 345 -18.29 19.79 5.30
CA ASP A 345 -18.08 19.96 6.72
C ASP A 345 -16.62 19.66 7.04
N LEU A 346 -16.19 20.02 8.24
CA LEU A 346 -14.78 19.89 8.60
C LEU A 346 -14.45 18.59 9.31
N THR A 347 -15.35 17.60 9.34
CA THR A 347 -15.00 16.35 10.01
C THR A 347 -13.82 15.66 9.32
N ASP A 348 -13.60 15.93 8.03
CA ASP A 348 -12.51 15.26 7.33
C ASP A 348 -11.13 15.74 7.78
N SER A 349 -11.04 16.97 8.30
CA SER A 349 -9.73 17.52 8.67
CA SER A 349 -9.73 17.52 8.67
C SER A 349 -9.04 16.65 9.71
N THR A 350 -9.72 16.36 10.81
CA THR A 350 -9.08 15.52 11.83
C THR A 350 -8.88 14.09 11.31
N VAL A 351 -9.81 13.58 10.51
CA VAL A 351 -9.70 12.21 10.04
C VAL A 351 -8.49 12.07 9.13
N LEU A 352 -8.25 13.08 8.28
CA LEU A 352 -7.13 13.00 7.34
C LEU A 352 -5.77 13.08 8.02
N ARG A 353 -5.72 13.47 9.29
CA ARG A 353 -4.47 13.33 10.03
C ARG A 353 -4.10 11.87 10.27
N ASN A 354 -5.01 10.94 9.98
CA ASN A 354 -4.76 9.51 10.15
C ASN A 354 -4.51 8.80 8.83
N LEU A 355 -4.23 9.54 7.75
CA LEU A 355 -3.94 8.88 6.46
C LEU A 355 -2.80 7.89 6.58
N GLY A 356 -1.81 8.17 7.41
CA GLY A 356 -0.71 7.26 7.52
C GLY A 356 -0.88 6.13 8.52
N VAL A 357 -1.99 6.08 9.26
CA VAL A 357 -2.08 5.10 10.34
C VAL A 357 -2.38 3.71 9.81
N GLY A 358 -3.33 3.59 8.89
CA GLY A 358 -3.56 2.30 8.26
C GLY A 358 -2.36 1.86 7.46
N ILE A 359 -1.68 2.81 6.82
CA ILE A 359 -0.45 2.49 6.11
C ILE A 359 0.61 2.01 7.08
N ALA A 360 0.70 2.64 8.28
CA ALA A 360 1.67 2.22 9.27
C ALA A 360 1.41 0.79 9.73
N HIS A 361 0.17 0.46 10.05
CA HIS A 361 -0.10 -0.92 10.45
C HIS A 361 0.17 -1.90 9.32
N SER A 362 -0.08 -1.48 8.08
CA SER A 362 0.25 -2.31 6.93
C SER A 362 1.74 -2.59 6.85
N ILE A 363 2.59 -1.55 6.96
CA ILE A 363 4.03 -1.78 6.79
C ILE A 363 4.63 -2.50 7.99
N ILE A 364 4.05 -2.33 9.19
CA ILE A 364 4.44 -3.18 10.30
C ILE A 364 4.21 -4.63 9.94
N ALA A 365 3.04 -4.92 9.39
CA ALA A 365 2.71 -6.30 9.02
C ALA A 365 3.59 -6.80 7.88
N TYR A 366 3.91 -5.94 6.90
CA TYR A 366 4.71 -6.41 5.77
C TYR A 366 6.11 -6.78 6.23
N GLU A 367 6.69 -5.96 7.10
CA GLU A 367 8.01 -6.27 7.64
C GLU A 367 7.96 -7.58 8.42
N ALA A 368 6.91 -7.79 9.21
CA ALA A 368 6.79 -9.01 9.98
C ALA A 368 6.63 -10.23 9.07
N SER A 369 5.80 -10.12 8.03
CA SER A 369 5.66 -11.23 7.10
C SER A 369 6.98 -11.54 6.42
N LEU A 370 7.73 -10.52 6.00
CA LEU A 370 9.03 -10.76 5.39
C LEU A 370 9.97 -11.47 6.34
N LYS A 371 9.99 -11.05 7.61
CA LYS A 371 10.83 -11.73 8.60
C LYS A 371 10.44 -13.19 8.75
N GLY A 372 9.13 -13.46 8.83
CA GLY A 372 8.69 -14.85 8.95
C GLY A 372 9.03 -15.69 7.75
N ILE A 373 8.84 -15.14 6.55
CA ILE A 373 9.17 -15.87 5.33
C ILE A 373 10.64 -16.29 5.33
N GLY A 374 11.52 -15.40 5.79
CA GLY A 374 12.94 -15.69 5.84
C GLY A 374 13.36 -16.75 6.83
N LYS A 375 12.46 -17.15 7.73
CA LYS A 375 12.75 -18.20 8.69
C LYS A 375 12.33 -19.59 8.20
N LEU A 376 11.57 -19.67 7.10
CA LEU A 376 10.95 -20.92 6.70
C LEU A 376 11.95 -21.82 6.01
N GLU A 377 12.02 -23.07 6.48
CA GLU A 377 12.75 -24.13 5.81
C GLU A 377 11.87 -25.36 5.73
N LEU A 378 11.89 -26.01 4.57
CA LEU A 378 11.10 -27.20 4.33
C LEU A 378 11.43 -28.30 5.33
N ASN A 379 10.41 -28.97 5.83
CA ASN A 379 10.57 -30.23 6.55
C ASN A 379 9.97 -31.33 5.67
N ALA A 380 10.79 -31.85 4.76
CA ALA A 380 10.31 -32.80 3.76
C ALA A 380 9.75 -34.07 4.38
N GLN A 381 10.30 -34.50 5.54
CA GLN A 381 9.87 -35.76 6.13
C GLN A 381 8.40 -35.72 6.52
N ARG A 382 7.96 -34.63 7.16
CA ARG A 382 6.55 -34.53 7.56
C ARG A 382 5.63 -34.45 6.36
N ILE A 383 6.04 -33.70 5.34
CA ILE A 383 5.21 -33.57 4.14
C ILE A 383 5.03 -34.92 3.47
N ALA A 384 6.14 -35.65 3.28
CA ALA A 384 6.05 -36.97 2.66
C ALA A 384 5.25 -37.94 3.53
N GLU A 385 5.34 -37.81 4.84
CA GLU A 385 4.64 -38.74 5.74
C GLU A 385 3.13 -38.67 5.54
N ASP A 386 2.59 -37.46 5.44
CA ASP A 386 1.15 -37.30 5.26
C ASP A 386 0.70 -37.79 3.88
N LEU A 387 1.53 -37.58 2.86
CA LEU A 387 1.16 -37.96 1.50
C LEU A 387 1.12 -39.47 1.33
N ASP A 388 2.15 -40.16 1.83
CA ASP A 388 2.20 -41.62 1.69
C ASP A 388 1.11 -42.29 2.52
N ALA A 389 0.63 -41.66 3.58
CA ALA A 389 -0.42 -42.22 4.40
C ALA A 389 -1.81 -41.99 3.85
N CYS A 390 -1.94 -41.53 2.58
CA CYS A 390 -3.24 -41.14 2.01
CA CYS A 390 -3.22 -41.14 2.02
C CYS A 390 -3.37 -41.67 0.58
N TRP A 391 -3.47 -42.99 0.44
CA TRP A 391 -3.70 -43.56 -0.88
C TRP A 391 -5.12 -43.36 -1.38
N GLU A 392 -6.03 -42.93 -0.51
CA GLU A 392 -7.41 -42.64 -0.92
C GLU A 392 -7.50 -41.54 -1.97
N VAL A 393 -6.46 -40.71 -2.11
CA VAL A 393 -6.49 -39.64 -3.11
C VAL A 393 -6.42 -40.17 -4.54
N LEU A 394 -6.09 -41.45 -4.71
CA LEU A 394 -5.97 -42.04 -6.03
C LEU A 394 -7.29 -42.59 -6.56
N ALA A 395 -8.37 -42.51 -5.79
CA ALA A 395 -9.67 -42.93 -6.30
C ALA A 395 -10.13 -42.03 -7.44
N GLU A 396 -9.88 -40.73 -7.31
CA GLU A 396 -10.27 -39.78 -8.35
C GLU A 396 -9.65 -40.07 -9.72
N PRO A 397 -8.32 -40.24 -9.84
CA PRO A 397 -7.78 -40.54 -11.18
C PRO A 397 -8.23 -41.87 -11.73
N VAL A 398 -8.40 -42.89 -10.87
CA VAL A 398 -8.89 -44.17 -11.37
C VAL A 398 -10.30 -44.03 -11.91
N GLN A 399 -11.18 -43.33 -11.18
CA GLN A 399 -12.54 -43.11 -11.64
C GLN A 399 -12.56 -42.33 -12.96
N THR A 400 -11.71 -41.32 -13.10
CA THR A 400 -11.72 -40.52 -14.31
C THR A 400 -11.24 -41.32 -15.51
N VAL A 401 -10.22 -42.17 -15.32
CA VAL A 401 -9.75 -43.03 -16.41
C VAL A 401 -10.80 -44.06 -16.78
N MET A 402 -11.44 -44.67 -15.77
CA MET A 402 -12.55 -45.57 -16.04
C MET A 402 -13.65 -44.86 -16.82
N ARG A 403 -13.93 -43.61 -16.47
CA ARG A 403 -14.99 -42.85 -17.12
C ARG A 403 -14.65 -42.58 -18.59
N ARG A 404 -13.38 -42.24 -18.88
CA ARG A 404 -12.98 -42.02 -20.26
C ARG A 404 -13.28 -43.24 -21.12
N TYR A 405 -12.94 -44.43 -20.64
CA TYR A 405 -13.06 -45.64 -21.43
C TYR A 405 -14.40 -46.35 -21.24
N GLY A 406 -15.37 -45.69 -20.63
CA GLY A 406 -16.71 -46.24 -20.53
C GLY A 406 -16.87 -47.39 -19.57
N VAL A 407 -15.96 -47.54 -18.61
CA VAL A 407 -16.07 -48.58 -17.60
C VAL A 407 -17.26 -48.31 -16.69
N ILE A 423 -7.65 -48.39 -0.03
CA ILE A 423 -6.77 -48.53 -1.18
C ILE A 423 -5.31 -48.67 -0.74
N SER A 424 -4.53 -49.42 -1.51
CA SER A 424 -3.11 -49.60 -1.24
C SER A 424 -2.40 -49.79 -2.57
N ALA A 425 -1.06 -49.74 -2.51
CA ALA A 425 -0.27 -49.96 -3.72
C ALA A 425 -0.45 -51.38 -4.23
N GLU A 426 -0.51 -52.36 -3.32
CA GLU A 426 -0.75 -53.74 -3.74
C GLU A 426 -2.17 -53.91 -4.29
N ALA A 427 -3.16 -53.30 -3.64
CA ALA A 427 -4.53 -53.40 -4.12
C ALA A 427 -4.72 -52.66 -5.44
N LEU A 428 -3.94 -51.60 -5.66
CA LEU A 428 -4.09 -50.83 -6.89
C LEU A 428 -3.59 -51.62 -8.10
N GLN A 429 -2.54 -52.40 -7.93
CA GLN A 429 -1.99 -53.15 -9.06
C GLN A 429 -2.95 -54.22 -9.55
N THR A 430 -3.63 -54.91 -8.62
CA THR A 430 -4.57 -55.95 -9.00
C THR A 430 -5.89 -55.36 -9.52
N PHE A 431 -6.32 -54.22 -8.98
CA PHE A 431 -7.55 -53.59 -9.43
C PHE A 431 -7.41 -53.06 -10.84
N ILE A 432 -6.28 -52.40 -11.15
CA ILE A 432 -6.10 -51.78 -12.46
C ILE A 432 -5.97 -52.83 -13.55
N GLU A 433 -5.27 -53.94 -13.27
CA GLU A 433 -5.07 -54.97 -14.27
C GLU A 433 -6.37 -55.64 -14.70
N GLU A 434 -7.40 -55.57 -13.86
CA GLU A 434 -8.70 -56.16 -14.17
C GLU A 434 -9.63 -55.20 -14.90
N LEU A 435 -9.18 -53.97 -15.19
CA LEU A 435 -10.03 -52.98 -15.83
C LEU A 435 -10.01 -53.14 -17.35
N ALA A 436 -11.14 -52.81 -17.97
CA ALA A 436 -11.27 -52.83 -19.43
C ALA A 436 -10.79 -51.50 -20.03
N ILE A 437 -9.50 -51.24 -19.85
CA ILE A 437 -8.85 -50.06 -20.39
C ILE A 437 -7.67 -50.52 -21.22
N PRO A 438 -7.18 -49.69 -22.15
CA PRO A 438 -6.00 -50.07 -22.92
C PRO A 438 -4.82 -50.35 -22.00
N ALA A 439 -4.00 -51.34 -22.41
CA ALA A 439 -2.87 -51.76 -21.59
C ALA A 439 -1.91 -50.60 -21.33
N GLU A 440 -1.80 -49.65 -22.26
CA GLU A 440 -0.96 -48.49 -22.04
C GLU A 440 -1.47 -47.65 -20.88
N ALA A 441 -2.80 -47.58 -20.70
CA ALA A 441 -3.37 -46.84 -19.58
C ALA A 441 -3.12 -47.56 -18.26
N LYS A 442 -3.17 -48.90 -18.28
CA LYS A 442 -2.92 -49.65 -17.05
C LYS A 442 -1.48 -49.51 -16.59
N VAL A 443 -0.54 -49.43 -17.54
CA VAL A 443 0.87 -49.26 -17.18
C VAL A 443 1.08 -47.94 -16.47
N GLU A 444 0.46 -46.86 -16.96
CA GLU A 444 0.60 -45.57 -16.31
C GLU A 444 -0.18 -45.51 -15.01
N LEU A 445 -1.39 -46.09 -14.99
CA LEU A 445 -2.19 -46.08 -13.76
C LEU A 445 -1.52 -46.88 -12.66
N LYS A 446 -0.92 -48.03 -13.00
CA LYS A 446 -0.28 -48.85 -11.98
C LYS A 446 0.91 -48.17 -11.36
N LYS A 447 1.52 -47.20 -12.05
CA LYS A 447 2.64 -46.45 -11.50
C LYS A 447 2.20 -45.31 -10.58
N LEU A 448 0.89 -45.11 -10.43
CA LEU A 448 0.40 -43.97 -9.65
C LEU A 448 0.68 -44.16 -8.17
N THR A 449 1.20 -43.12 -7.54
CA THR A 449 1.39 -43.00 -6.11
C THR A 449 0.84 -41.65 -5.69
N PRO A 450 0.49 -41.48 -4.41
CA PRO A 450 -0.01 -40.17 -3.97
C PRO A 450 0.95 -39.03 -4.26
N ALA A 451 2.24 -39.21 -4.01
CA ALA A 451 3.20 -38.13 -4.25
C ALA A 451 3.35 -37.82 -5.73
N GLY A 452 3.03 -38.77 -6.61
CA GLY A 452 3.07 -38.51 -8.03
C GLY A 452 1.82 -37.88 -8.61
N TYR A 453 0.73 -37.84 -7.85
CA TYR A 453 -0.56 -37.38 -8.38
C TYR A 453 -0.74 -35.89 -8.11
N VAL A 454 0.11 -35.10 -8.77
CA VAL A 454 0.16 -33.65 -8.58
C VAL A 454 -0.29 -32.86 -9.78
N GLY A 455 -0.78 -33.51 -10.84
CA GLY A 455 -1.16 -32.77 -12.03
C GLY A 455 -0.01 -31.95 -12.56
N ASN A 456 -0.28 -30.72 -12.99
CA ASN A 456 0.75 -29.83 -13.50
C ASN A 456 1.16 -28.76 -12.48
N ALA A 457 1.02 -29.07 -11.19
CA ALA A 457 1.36 -28.09 -10.16
C ALA A 457 2.77 -27.55 -10.32
N ALA A 458 3.73 -28.42 -10.62
CA ALA A 458 5.12 -27.98 -10.63
C ALA A 458 5.39 -26.99 -11.77
N ALA A 459 4.86 -27.28 -12.96
CA ALA A 459 5.05 -26.36 -14.08
C ALA A 459 4.38 -25.02 -13.82
N GLN A 460 3.18 -25.04 -13.22
CA GLN A 460 2.53 -23.77 -12.89
C GLN A 460 3.36 -22.99 -11.87
N ALA A 461 3.89 -23.68 -10.86
CA ALA A 461 4.68 -22.98 -9.84
C ALA A 461 5.94 -22.37 -10.42
N LYS A 462 6.62 -23.10 -11.31
CA LYS A 462 7.92 -22.64 -11.79
C LYS A 462 7.82 -21.36 -12.60
N ARG A 463 6.70 -21.11 -13.28
CA ARG A 463 6.59 -19.96 -14.15
C ARG A 463 5.90 -18.76 -13.51
N ILE A 464 5.63 -18.80 -12.21
CA ILE A 464 4.95 -17.70 -11.55
C ILE A 464 5.69 -16.37 -11.71
C1 IPA B . 3.76 -9.67 18.74
C2 IPA B . 4.24 -8.49 19.58
C3 IPA B . 3.15 -7.95 20.47
O2 IPA B . 4.76 -7.47 18.76
C1 IPA C . -0.18 11.55 -13.34
C2 IPA C . -0.08 12.54 -14.48
C3 IPA C . -1.42 12.68 -15.18
O2 IPA C . 0.34 13.80 -13.99
C1 IPA D . -13.59 30.02 -17.08
C1 IPA D . -11.99 29.10 -17.38
C2 IPA D . -12.36 29.49 -16.35
C2 IPA D . -12.33 29.97 -16.18
C3 IPA D . -11.57 30.64 -15.75
C3 IPA D . -13.65 30.68 -16.44
O2 IPA D . -11.54 28.75 -17.23
O2 IPA D . -11.30 30.91 -15.96
N1 IMD E . 11.35 12.60 2.06
C2 IMD E . 11.52 11.33 2.50
N3 IMD E . 12.61 11.29 3.30
C4 IMD E . 13.14 12.54 3.35
C5 IMD E . 12.34 13.36 2.58
#